data_8ITB
#
_entry.id   8ITB
#
_cell.length_a   81.956
_cell.length_b   89.336
_cell.length_c   93.048
_cell.angle_alpha   90.00
_cell.angle_beta   90.00
_cell.angle_gamma   90.00
#
_symmetry.space_group_name_H-M   'P 21 21 21'
#
loop_
_entity.id
_entity.type
_entity.pdbx_description
1 polymer 'Phosphoglycerate mutase 1'
2 non-polymer 'CHLORIDE ION'
3 non-polymer '2-(N-MORPHOLINO)-ETHANESULFONIC ACID'
4 non-polymer '5-(3-chloranyl-4-fluoranyl-phenyl)-2-oxidanyl-3-[(4-phenylphenyl)sulfonylamino]benzoic acid'
5 water water
#
_entity_poly.entity_id   1
_entity_poly.type   'polypeptide(L)'
_entity_poly.pdbx_seq_one_letter_code
;MAAYKLVLIRHGESAWNLENRFSGWYDADLSPAGHEEAKRGGQALRDAGYEFDICFTSVQKRAIRTLWTVLDAIDQMWLP
VVRTWRLNERHYGGLTGLNKAETAAKHGEAQVKIWRRSYDVPPPPMEPDHPFYSNISKDRRYADLTEDQLPSCESLKDTI
ARALPFWNEEIVPQIKEGKRVLIAAHGNSLRGIVKHLEGLSEEAIMELNLPTGIPIVYELDKNLKPIKPMQFLGDEETVR
KAMEAVAAQGKAKKLEHHHHHH
;
_entity_poly.pdbx_strand_id   B,C
#
loop_
_chem_comp.id
_chem_comp.type
_chem_comp.name
_chem_comp.formula
CL non-polymer 'CHLORIDE ION' 'Cl -1'
MES non-polymer '2-(N-MORPHOLINO)-ETHANESULFONIC ACID' 'C6 H13 N O4 S'
Q9R non-polymer '5-(3-chloranyl-4-fluoranyl-phenyl)-2-oxidanyl-3-[(4-phenylphenyl)sulfonylamino]benzoic acid' 'C25 H17 Cl F N O5 S'
#
# COMPACT_ATOMS: atom_id res chain seq x y z
N ALA A 3 -15.33 10.97 21.39
CA ALA A 3 -14.47 11.90 20.66
C ALA A 3 -13.63 11.18 19.59
N TYR A 4 -14.08 11.27 18.34
CA TYR A 4 -13.31 10.73 17.23
C TYR A 4 -11.90 11.33 17.20
N LYS A 5 -10.93 10.52 16.78
CA LYS A 5 -9.55 10.95 16.61
C LYS A 5 -9.14 10.80 15.15
N LEU A 6 -8.63 11.90 14.56
CA LEU A 6 -8.23 11.97 13.17
C LEU A 6 -6.80 12.49 13.08
N VAL A 7 -6.02 11.97 12.13
CA VAL A 7 -4.62 12.37 12.01
C VAL A 7 -4.27 12.63 10.55
N LEU A 8 -3.68 13.79 10.29
CA LEU A 8 -3.15 14.16 8.99
C LEU A 8 -1.63 14.23 9.07
N ILE A 9 -0.96 13.98 7.95
CA ILE A 9 0.45 14.28 7.86
C ILE A 9 0.76 14.73 6.44
N ARG A 10 1.64 15.71 6.31
CA ARG A 10 2.01 16.26 5.03
C ARG A 10 3.42 15.77 4.72
N HIS A 11 3.64 15.31 3.50
CA HIS A 11 4.96 14.82 3.14
C HIS A 11 5.98 15.94 3.20
N GLY A 12 7.25 15.56 3.23
CA GLY A 12 8.37 16.46 3.30
C GLY A 12 8.97 16.77 1.94
N GLU A 13 10.25 17.11 1.95
CA GLU A 13 10.93 17.61 0.77
C GLU A 13 11.03 16.56 -0.33
N SER A 14 10.94 17.02 -1.58
CA SER A 14 11.13 16.14 -2.71
C SER A 14 12.43 16.46 -3.45
N ALA A 15 12.80 15.53 -4.33
CA ALA A 15 13.98 15.60 -5.20
C ALA A 15 14.08 16.89 -6.01
N TRP A 16 15.32 17.23 -6.40
CA TRP A 16 15.60 18.34 -7.31
C TRP A 16 14.93 19.65 -6.88
N ASN A 17 14.71 19.81 -5.56
CA ASN A 17 14.17 21.05 -5.01
C ASN A 17 12.73 21.32 -5.47
N LEU A 18 11.97 20.28 -5.81
CA LEU A 18 10.74 20.49 -6.56
C LEU A 18 9.63 21.09 -5.70
N GLU A 19 9.73 21.00 -4.37
CA GLU A 19 8.71 21.64 -3.54
C GLU A 19 8.84 23.16 -3.62
N ASN A 20 9.98 23.67 -4.10
CA ASN A 20 10.14 25.07 -4.40
C ASN A 20 10.07 25.35 -5.90
N ARG A 21 9.52 24.42 -6.68
CA ARG A 21 9.37 24.61 -8.13
C ARG A 21 7.97 24.23 -8.57
N PHE A 22 6.98 24.48 -7.73
CA PHE A 22 5.58 24.20 -8.06
C PHE A 22 5.40 22.76 -8.55
N SER A 23 5.89 21.80 -7.77
CA SER A 23 5.88 20.41 -8.22
C SER A 23 4.48 19.96 -8.65
N GLY A 24 3.45 20.34 -7.89
CA GLY A 24 2.08 20.10 -8.32
C GLY A 24 1.81 18.64 -8.64
N TRP A 25 1.26 18.39 -9.83
CA TRP A 25 0.91 17.05 -10.23
C TRP A 25 2.09 16.26 -10.78
N TYR A 26 3.27 16.87 -10.87
CA TYR A 26 4.45 16.08 -11.21
C TYR A 26 4.78 15.13 -10.08
N ASP A 27 5.06 13.87 -10.41
CA ASP A 27 5.19 12.81 -9.40
C ASP A 27 6.62 12.74 -8.85
N ALA A 28 7.04 13.84 -8.26
CA ALA A 28 8.39 13.88 -7.69
C ALA A 28 8.49 12.93 -6.51
N ASP A 29 9.61 12.21 -6.43
CA ASP A 29 9.84 11.35 -5.27
C ASP A 29 10.33 12.18 -4.08
N LEU A 30 10.32 11.58 -2.90
CA LEU A 30 10.86 12.24 -1.73
C LEU A 30 12.37 12.38 -1.87
N SER A 31 12.91 13.48 -1.37
CA SER A 31 14.35 13.54 -1.20
C SER A 31 14.72 12.63 -0.03
N PRO A 32 16.01 12.30 0.11
CA PRO A 32 16.42 11.53 1.31
C PRO A 32 16.04 12.24 2.60
N ALA A 33 16.14 13.56 2.62
CA ALA A 33 15.76 14.30 3.80
C ALA A 33 14.27 14.18 4.05
N GLY A 34 13.46 14.27 2.98
CA GLY A 34 12.03 14.11 3.13
C GLY A 34 11.66 12.74 3.67
N HIS A 35 12.32 11.70 3.16
CA HIS A 35 12.16 10.37 3.73
C HIS A 35 12.46 10.37 5.22
N GLU A 36 13.59 10.97 5.62
CA GLU A 36 13.95 11.00 7.04
C GLU A 36 12.88 11.71 7.86
N GLU A 37 12.37 12.85 7.39
CA GLU A 37 11.26 13.48 8.07
C GLU A 37 10.12 12.50 8.30
N ALA A 38 9.73 11.76 7.24
CA ALA A 38 8.64 10.80 7.39
C ALA A 38 8.95 9.78 8.48
N LYS A 39 10.19 9.27 8.50
CA LYS A 39 10.60 8.39 9.58
C LYS A 39 10.31 9.02 10.93
N ARG A 40 10.77 10.25 11.12
CA ARG A 40 10.62 10.92 12.41
C ARG A 40 9.14 11.08 12.76
N GLY A 41 8.33 11.52 11.81
CA GLY A 41 6.90 11.59 12.06
C GLY A 41 6.34 10.24 12.46
N GLY A 42 6.80 9.18 11.80
CA GLY A 42 6.38 7.85 12.19
C GLY A 42 6.79 7.51 13.61
N GLN A 43 8.09 7.63 13.91
CA GLN A 43 8.56 7.36 15.26
C GLN A 43 7.72 8.10 16.30
N ALA A 44 7.39 9.37 16.02
CA ALA A 44 6.56 10.14 16.94
C ALA A 44 5.22 9.45 17.17
N LEU A 45 4.57 9.04 16.09
CA LEU A 45 3.30 8.34 16.24
C LEU A 45 3.46 7.03 17.00
N ARG A 46 4.65 6.45 16.94
CA ARG A 46 4.85 5.17 17.60
C ARG A 46 5.05 5.37 19.09
N ASP A 47 5.91 6.32 19.46
CA ASP A 47 6.15 6.61 20.87
C ASP A 47 4.86 6.95 21.59
N ALA A 48 3.90 7.57 20.90
CA ALA A 48 2.61 7.92 21.47
C ALA A 48 1.59 6.81 21.38
N GLY A 49 1.95 5.68 20.76
CA GLY A 49 1.08 4.52 20.71
C GLY A 49 -0.18 4.67 19.88
N TYR A 50 -0.14 5.44 18.79
CA TYR A 50 -1.35 5.62 17.99
C TYR A 50 -1.70 4.34 17.23
N GLU A 51 -3.01 4.07 17.08
CA GLU A 51 -3.54 2.96 16.30
C GLU A 51 -4.54 3.48 15.28
N PHE A 52 -4.39 3.07 14.02
CA PHE A 52 -5.34 3.43 12.99
C PHE A 52 -6.00 2.19 12.44
N ASP A 53 -7.12 2.38 11.76
CA ASP A 53 -7.85 1.30 11.12
C ASP A 53 -7.93 1.42 9.61
N ILE A 54 -7.60 2.59 9.05
CA ILE A 54 -7.63 2.77 7.60
C ILE A 54 -6.83 4.03 7.27
N CYS A 55 -6.24 4.04 6.07
CA CYS A 55 -5.40 5.14 5.63
C CYS A 55 -5.87 5.64 4.27
N PHE A 56 -5.83 6.95 4.10
CA PHE A 56 -6.12 7.57 2.82
C PHE A 56 -4.90 8.35 2.36
N THR A 57 -4.61 8.27 1.07
CA THR A 57 -3.50 9.02 0.50
C THR A 57 -3.86 9.39 -0.93
N SER A 58 -2.97 10.13 -1.57
CA SER A 58 -3.11 10.54 -2.95
C SER A 58 -2.58 9.43 -3.85
N VAL A 59 -2.40 9.72 -5.14
CA VAL A 59 -1.74 8.81 -6.06
C VAL A 59 -0.32 9.29 -6.40
N GLN A 60 0.23 10.21 -5.63
CA GLN A 60 1.56 10.75 -5.86
C GLN A 60 2.57 10.11 -4.92
N LYS A 61 3.71 9.67 -5.47
CA LYS A 61 4.55 8.76 -4.72
C LYS A 61 5.12 9.40 -3.46
N ARG A 62 5.31 10.73 -3.44
CA ARG A 62 5.91 11.34 -2.26
C ARG A 62 4.97 11.29 -1.07
N ALA A 63 3.66 11.31 -1.31
CA ALA A 63 2.72 11.10 -0.22
C ALA A 63 2.63 9.61 0.14
N ILE A 64 2.61 8.74 -0.87
CA ILE A 64 2.50 7.30 -0.63
C ILE A 64 3.71 6.82 0.15
N ARG A 65 4.91 7.24 -0.26
CA ARG A 65 6.10 6.79 0.46
C ARG A 65 6.10 7.30 1.89
N THR A 66 5.63 8.53 2.11
CA THR A 66 5.51 9.03 3.47
C THR A 66 4.62 8.12 4.30
N LEU A 67 3.52 7.67 3.72
CA LEU A 67 2.62 6.75 4.42
C LEU A 67 3.27 5.37 4.61
N TRP A 68 3.92 4.83 3.58
CA TRP A 68 4.64 3.57 3.77
C TRP A 68 5.63 3.69 4.92
N THR A 69 6.42 4.77 4.92
CA THR A 69 7.41 4.99 5.96
C THR A 69 6.76 5.04 7.33
N VAL A 70 5.65 5.75 7.45
CA VAL A 70 4.96 5.85 8.74
C VAL A 70 4.45 4.48 9.16
N LEU A 71 3.70 3.82 8.28
CA LEU A 71 3.14 2.51 8.61
C LEU A 71 4.25 1.54 8.98
N ASP A 72 5.40 1.62 8.31
CA ASP A 72 6.53 0.82 8.72
C ASP A 72 6.90 1.15 10.16
N ALA A 73 7.14 2.44 10.43
CA ALA A 73 7.60 2.85 11.75
C ALA A 73 6.66 2.35 12.84
N ILE A 74 5.35 2.34 12.61
CA ILE A 74 4.40 2.02 13.68
C ILE A 74 3.94 0.58 13.59
N ASP A 75 4.64 -0.26 12.83
CA ASP A 75 4.31 -1.68 12.68
C ASP A 75 2.83 -1.86 12.35
N GLN A 76 2.36 -1.11 11.36
CA GLN A 76 0.99 -1.29 10.91
C GLN A 76 0.92 -1.36 9.40
N MET A 77 1.91 -2.03 8.74
CA MET A 77 1.78 -2.15 7.30
C MET A 77 0.63 -3.04 6.88
N TRP A 78 -0.10 -3.66 7.81
CA TRP A 78 -1.23 -4.48 7.38
C TRP A 78 -2.52 -3.70 7.16
N LEU A 79 -2.53 -2.39 7.44
CA LEU A 79 -3.78 -1.62 7.39
C LEU A 79 -4.28 -1.45 5.95
N PRO A 80 -5.60 -1.31 5.78
CA PRO A 80 -6.14 -1.00 4.44
C PRO A 80 -5.77 0.42 4.02
N VAL A 81 -5.37 0.56 2.76
CA VAL A 81 -4.92 1.84 2.20
C VAL A 81 -5.77 2.14 0.97
N VAL A 82 -6.36 3.33 0.92
CA VAL A 82 -7.08 3.82 -0.25
C VAL A 82 -6.35 5.03 -0.81
N ARG A 83 -6.02 4.97 -2.10
CA ARG A 83 -5.36 6.05 -2.84
C ARG A 83 -6.35 6.73 -3.76
N THR A 84 -6.30 8.07 -3.83
CA THR A 84 -7.19 8.81 -4.73
C THR A 84 -6.53 10.07 -5.28
N TRP A 85 -6.73 10.32 -6.59
CA TRP A 85 -6.30 11.57 -7.21
C TRP A 85 -6.93 12.79 -6.55
N ARG A 86 -8.11 12.64 -5.94
CA ARG A 86 -8.76 13.78 -5.31
C ARG A 86 -7.96 14.36 -4.14
N LEU A 87 -6.88 13.70 -3.71
CA LEU A 87 -6.08 14.19 -2.59
C LEU A 87 -4.73 14.68 -3.11
N ASN A 88 -4.52 14.63 -4.43
CA ASN A 88 -3.31 15.16 -5.03
C ASN A 88 -3.08 16.62 -4.61
N GLU A 89 -1.80 17.00 -4.62
CA GLU A 89 -1.39 18.39 -4.58
C GLU A 89 -2.16 19.20 -5.61
N ARG A 90 -2.21 20.52 -5.40
CA ARG A 90 -2.80 21.42 -6.39
C ARG A 90 -2.03 21.32 -7.70
N HIS A 91 -2.75 21.39 -8.83
CA HIS A 91 -2.17 21.44 -10.16
C HIS A 91 -1.79 22.89 -10.52
N TYR A 92 -0.50 23.16 -10.65
CA TYR A 92 -0.02 24.51 -10.90
C TYR A 92 0.11 24.86 -12.39
N GLY A 93 -0.51 24.06 -13.27
CA GLY A 93 -0.51 24.40 -14.69
C GLY A 93 0.88 24.62 -15.25
N GLY A 94 1.03 25.70 -16.02
CA GLY A 94 2.28 25.96 -16.70
C GLY A 94 3.46 26.23 -15.77
N LEU A 95 3.20 26.58 -14.52
CA LEU A 95 4.27 26.90 -13.59
C LEU A 95 4.98 25.67 -13.05
N THR A 96 4.34 24.49 -13.12
CA THR A 96 4.92 23.24 -12.67
C THR A 96 6.36 23.10 -13.09
N GLY A 97 7.27 23.01 -12.13
CA GLY A 97 8.68 22.87 -12.43
C GLY A 97 9.50 24.16 -12.46
N LEU A 98 8.85 25.34 -12.48
CA LEU A 98 9.59 26.60 -12.47
C LEU A 98 9.97 26.99 -11.05
N ASN A 99 11.19 27.46 -10.87
CA ASN A 99 11.51 28.08 -9.59
C ASN A 99 10.93 29.51 -9.53
N LYS A 100 11.09 30.16 -8.38
CA LYS A 100 10.47 31.48 -8.20
C LYS A 100 11.00 32.50 -9.20
N ALA A 101 12.32 32.57 -9.40
CA ALA A 101 12.84 33.56 -10.32
C ALA A 101 12.36 33.29 -11.74
N GLU A 102 12.36 32.02 -12.17
CA GLU A 102 11.93 31.74 -13.53
C GLU A 102 10.45 32.05 -13.70
N THR A 103 9.67 31.85 -12.64
CA THR A 103 8.26 32.19 -12.66
C THR A 103 8.08 33.69 -12.84
N ALA A 104 8.82 34.47 -12.06
CA ALA A 104 8.73 35.93 -12.16
C ALA A 104 9.19 36.40 -13.54
N ALA A 105 10.30 35.86 -14.02
CA ALA A 105 10.83 36.27 -15.33
C ALA A 105 9.83 35.98 -16.43
N LYS A 106 9.14 34.86 -16.34
CA LYS A 106 8.32 34.50 -17.48
C LYS A 106 6.96 35.18 -17.42
N HIS A 107 6.42 35.42 -16.22
CA HIS A 107 5.09 35.98 -16.11
C HIS A 107 5.05 37.36 -15.49
N GLY A 108 6.16 37.85 -14.94
CA GLY A 108 6.13 39.19 -14.37
C GLY A 108 5.65 39.19 -12.94
N GLU A 109 6.21 40.11 -12.15
CA GLU A 109 5.91 40.14 -10.72
C GLU A 109 4.45 40.42 -10.46
N ALA A 110 3.83 41.28 -11.27
CA ALA A 110 2.47 41.68 -10.94
C ALA A 110 1.53 40.50 -11.05
N GLN A 111 1.63 39.72 -12.13
CA GLN A 111 0.77 38.56 -12.26
C GLN A 111 1.07 37.53 -11.17
N VAL A 112 2.34 37.31 -10.85
CA VAL A 112 2.65 36.32 -9.82
C VAL A 112 1.96 36.69 -8.51
N LYS A 113 2.05 37.96 -8.11
CA LYS A 113 1.45 38.36 -6.84
C LYS A 113 -0.05 38.08 -6.84
N ILE A 114 -0.73 38.46 -7.92
CA ILE A 114 -2.16 38.19 -8.01
C ILE A 114 -2.44 36.70 -7.85
N TRP A 115 -1.61 35.84 -8.45
CA TRP A 115 -1.81 34.39 -8.34
C TRP A 115 -1.55 33.90 -6.93
N ARG A 116 -0.42 34.32 -6.35
CA ARG A 116 -0.11 33.99 -4.96
C ARG A 116 -1.29 34.28 -4.02
N ARG A 117 -1.99 35.39 -4.25
CA ARG A 117 -2.96 35.88 -3.26
C ARG A 117 -4.41 35.64 -3.66
N SER A 118 -4.69 35.26 -4.90
CA SER A 118 -6.05 35.04 -5.36
C SER A 118 -6.52 33.62 -5.05
N TYR A 119 -7.78 33.48 -4.63
CA TYR A 119 -8.35 32.20 -4.24
C TYR A 119 -8.97 31.44 -5.40
N ASP A 120 -9.37 32.13 -6.48
CA ASP A 120 -10.04 31.44 -7.58
C ASP A 120 -9.52 31.91 -8.93
N VAL A 121 -8.28 32.38 -8.99
CA VAL A 121 -7.65 32.68 -10.27
C VAL A 121 -6.62 31.60 -10.55
N PRO A 122 -6.84 30.72 -11.51
CA PRO A 122 -5.87 29.66 -11.78
C PRO A 122 -4.64 30.25 -12.43
N PRO A 123 -3.48 29.61 -12.28
CA PRO A 123 -2.35 29.96 -13.12
C PRO A 123 -2.63 29.56 -14.56
N PRO A 124 -1.70 29.83 -15.48
CA PRO A 124 -1.94 29.45 -16.87
C PRO A 124 -1.95 27.94 -17.01
N PRO A 125 -2.72 27.40 -17.96
CA PRO A 125 -2.82 25.95 -18.08
C PRO A 125 -1.53 25.35 -18.62
N MET A 126 -1.32 24.07 -18.32
CA MET A 126 -0.11 23.46 -18.83
C MET A 126 -0.39 22.98 -20.25
N GLU A 127 0.35 23.51 -21.21
CA GLU A 127 0.10 23.33 -22.63
C GLU A 127 0.99 22.25 -23.21
N PRO A 128 0.64 21.74 -24.40
CA PRO A 128 1.25 20.49 -24.88
C PRO A 128 2.76 20.56 -25.03
N ASP A 129 3.34 21.73 -25.26
CA ASP A 129 4.79 21.78 -25.31
C ASP A 129 5.43 21.96 -23.94
N HIS A 130 4.64 22.01 -22.87
CA HIS A 130 5.24 22.00 -21.54
C HIS A 130 5.96 20.67 -21.31
N PRO A 131 7.18 20.67 -20.79
CA PRO A 131 7.92 19.40 -20.63
C PRO A 131 7.23 18.40 -19.72
N PHE A 132 6.22 18.81 -18.95
CA PHE A 132 5.48 17.85 -18.12
C PHE A 132 4.11 17.52 -18.68
N TYR A 133 3.74 18.04 -19.86
CA TYR A 133 2.37 17.92 -20.32
C TYR A 133 1.97 16.45 -20.46
N SER A 134 2.62 15.73 -21.37
CA SER A 134 2.19 14.36 -21.58
C SER A 134 2.57 13.48 -20.40
N ASN A 135 3.67 13.81 -19.72
CA ASN A 135 4.07 13.04 -18.54
C ASN A 135 2.96 13.02 -17.49
N ILE A 136 2.25 14.11 -17.30
CA ILE A 136 1.16 14.14 -16.33
C ILE A 136 -0.17 13.75 -16.97
N SER A 137 -0.58 14.48 -18.00
CA SER A 137 -1.95 14.34 -18.49
C SER A 137 -2.17 13.02 -19.23
N LYS A 138 -1.12 12.31 -19.62
CA LYS A 138 -1.26 11.01 -20.27
C LYS A 138 -0.78 9.88 -19.39
N ASP A 139 -0.59 10.16 -18.10
CA ASP A 139 -0.33 9.16 -17.09
C ASP A 139 -1.53 8.22 -16.91
N ARG A 140 -1.25 6.90 -17.07
CA ARG A 140 -2.26 5.85 -16.89
C ARG A 140 -3.15 6.11 -15.68
N ARG A 141 -2.56 6.57 -14.56
CA ARG A 141 -3.31 6.66 -13.31
C ARG A 141 -4.49 7.61 -13.38
N TYR A 142 -4.56 8.48 -14.40
CA TYR A 142 -5.69 9.41 -14.57
C TYR A 142 -6.59 9.02 -15.73
N ALA A 143 -6.38 7.83 -16.31
CA ALA A 143 -7.11 7.47 -17.51
C ALA A 143 -8.58 7.27 -17.26
N ASP A 144 -9.00 7.02 -16.01
CA ASP A 144 -10.41 6.88 -15.68
C ASP A 144 -11.08 8.21 -15.40
N LEU A 145 -10.33 9.31 -15.49
CA LEU A 145 -10.89 10.64 -15.24
C LEU A 145 -11.57 11.18 -16.49
N THR A 146 -12.73 11.78 -16.31
CA THR A 146 -13.41 12.41 -17.44
C THR A 146 -12.58 13.58 -17.97
N GLU A 147 -12.93 14.03 -19.18
CA GLU A 147 -12.24 15.16 -19.77
CA GLU A 147 -12.20 15.16 -19.76
C GLU A 147 -12.29 16.39 -18.87
N ASP A 148 -13.41 16.59 -18.19
CA ASP A 148 -13.54 17.76 -17.33
C ASP A 148 -12.99 17.54 -15.93
N GLN A 149 -12.61 16.32 -15.58
CA GLN A 149 -12.03 16.07 -14.26
C GLN A 149 -10.53 16.25 -14.24
N LEU A 150 -9.85 15.97 -15.36
CA LEU A 150 -8.42 16.11 -15.47
C LEU A 150 -8.05 17.59 -15.60
N PRO A 151 -7.43 18.19 -14.58
CA PRO A 151 -7.03 19.59 -14.69
C PRO A 151 -5.84 19.78 -15.62
N SER A 152 -5.84 20.89 -16.35
CA SER A 152 -4.61 21.41 -16.91
C SER A 152 -4.04 22.52 -16.02
N CYS A 153 -4.72 22.85 -14.92
CA CYS A 153 -4.34 23.89 -13.98
C CYS A 153 -5.45 23.99 -12.95
N GLU A 154 -5.13 24.59 -11.81
CA GLU A 154 -6.08 24.62 -10.71
C GLU A 154 -5.86 25.87 -9.87
N SER A 155 -6.93 26.61 -9.59
CA SER A 155 -6.90 27.52 -8.46
C SER A 155 -7.05 26.73 -7.15
N LEU A 156 -6.65 27.36 -6.05
CA LEU A 156 -6.85 26.73 -4.75
C LEU A 156 -8.31 26.28 -4.58
N LYS A 157 -9.26 27.11 -5.02
CA LYS A 157 -10.67 26.72 -4.91
C LYS A 157 -10.96 25.47 -5.73
N ASP A 158 -10.45 25.39 -6.96
CA ASP A 158 -10.57 24.16 -7.74
C ASP A 158 -10.06 22.95 -6.96
N THR A 159 -8.89 23.09 -6.33
CA THR A 159 -8.29 21.98 -5.59
C THR A 159 -9.22 21.51 -4.49
N ILE A 160 -9.71 22.45 -3.68
CA ILE A 160 -10.61 22.11 -2.58
C ILE A 160 -11.91 21.51 -3.13
N ALA A 161 -12.43 22.07 -4.23
CA ALA A 161 -13.70 21.55 -4.73
C ALA A 161 -13.58 20.12 -5.19
N ARG A 162 -12.40 19.68 -5.61
CA ARG A 162 -12.33 18.29 -6.05
C ARG A 162 -11.93 17.35 -4.93
N ALA A 163 -11.33 17.89 -3.86
CA ALA A 163 -10.99 17.11 -2.66
C ALA A 163 -12.21 16.89 -1.77
N LEU A 164 -13.00 17.93 -1.54
CA LEU A 164 -14.11 17.83 -0.59
C LEU A 164 -15.05 16.68 -0.90
N PRO A 165 -15.44 16.43 -2.15
CA PRO A 165 -16.34 15.28 -2.40
C PRO A 165 -15.78 13.96 -1.88
N PHE A 166 -14.46 13.75 -1.94
CA PHE A 166 -13.92 12.48 -1.48
C PHE A 166 -13.95 12.39 0.04
N TRP A 167 -13.70 13.50 0.71
CA TRP A 167 -13.87 13.56 2.16
C TRP A 167 -15.31 13.24 2.54
N ASN A 168 -16.27 13.88 1.87
CA ASN A 168 -17.68 13.70 2.21
C ASN A 168 -18.10 12.25 2.01
N GLU A 169 -17.84 11.70 0.82
CA GLU A 169 -18.39 10.42 0.43
C GLU A 169 -17.56 9.24 0.88
N GLU A 170 -16.28 9.44 1.20
CA GLU A 170 -15.37 8.32 1.46
C GLU A 170 -14.79 8.31 2.85
N ILE A 171 -14.47 9.47 3.41
CA ILE A 171 -13.74 9.51 4.68
C ILE A 171 -14.69 9.72 5.85
N VAL A 172 -15.64 10.66 5.73
CA VAL A 172 -16.62 10.85 6.79
C VAL A 172 -17.27 9.53 7.21
N PRO A 173 -17.80 8.69 6.31
CA PRO A 173 -18.46 7.46 6.77
C PRO A 173 -17.54 6.55 7.56
N GLN A 174 -16.24 6.54 7.25
CA GLN A 174 -15.32 5.72 8.03
C GLN A 174 -15.20 6.26 9.45
N ILE A 175 -14.94 7.57 9.58
CA ILE A 175 -14.80 8.19 10.89
C ILE A 175 -16.05 7.94 11.73
N LYS A 176 -17.22 8.11 11.12
CA LYS A 176 -18.48 7.94 11.86
C LYS A 176 -18.63 6.53 12.40
N GLU A 177 -18.13 5.53 11.66
CA GLU A 177 -18.16 4.17 12.17
C GLU A 177 -17.15 3.92 13.28
N GLY A 178 -16.46 4.94 13.80
CA GLY A 178 -15.44 4.72 14.80
C GLY A 178 -14.06 4.34 14.28
N LYS A 179 -13.87 4.28 12.96
CA LYS A 179 -12.58 3.89 12.42
C LYS A 179 -11.59 5.04 12.57
N ARG A 180 -10.44 4.77 13.20
CA ARG A 180 -9.38 5.78 13.31
C ARG A 180 -8.69 5.98 11.96
N VAL A 181 -8.74 7.21 11.45
CA VAL A 181 -8.32 7.51 10.08
C VAL A 181 -6.98 8.23 10.11
N LEU A 182 -6.08 7.85 9.19
CA LEU A 182 -4.85 8.56 8.95
C LEU A 182 -4.84 9.03 7.49
N ILE A 183 -4.59 10.32 7.28
CA ILE A 183 -4.53 10.89 5.93
C ILE A 183 -3.11 11.40 5.70
N ALA A 184 -2.44 10.81 4.69
CA ALA A 184 -1.11 11.25 4.26
C ALA A 184 -1.29 11.88 2.88
N ALA A 185 -1.13 13.20 2.78
CA ALA A 185 -1.41 13.87 1.51
C ALA A 185 -0.55 15.12 1.35
N HIS A 186 -1.09 16.20 0.80
CA HIS A 186 -0.28 17.36 0.38
C HIS A 186 -0.85 18.65 0.96
N GLY A 187 -0.03 19.70 0.96
CA GLY A 187 -0.40 20.98 1.57
C GLY A 187 -1.78 21.46 1.17
N ASN A 188 -2.07 21.49 -0.13
CA ASN A 188 -3.30 22.12 -0.59
C ASN A 188 -4.51 21.21 -0.51
N SER A 189 -4.32 19.88 -0.58
CA SER A 189 -5.46 19.01 -0.36
C SER A 189 -5.75 18.90 1.13
N LEU A 190 -4.70 18.83 1.94
CA LEU A 190 -4.92 18.95 3.38
C LEU A 190 -5.58 20.29 3.72
N ARG A 191 -5.20 21.35 3.01
CA ARG A 191 -5.79 22.67 3.26
C ARG A 191 -7.31 22.63 3.13
N GLY A 192 -7.81 22.03 2.06
CA GLY A 192 -9.26 21.92 1.91
C GLY A 192 -9.92 21.17 3.06
N ILE A 193 -9.24 20.15 3.59
CA ILE A 193 -9.82 19.39 4.69
C ILE A 193 -9.86 20.24 5.96
N VAL A 194 -8.75 20.93 6.26
CA VAL A 194 -8.71 21.82 7.42
C VAL A 194 -9.70 22.98 7.26
N LYS A 195 -9.88 23.47 6.03
CA LYS A 195 -10.86 24.55 5.84
C LYS A 195 -12.26 24.08 6.22
N HIS A 196 -12.70 22.96 5.63
CA HIS A 196 -14.04 22.43 5.88
C HIS A 196 -14.22 21.99 7.32
N LEU A 197 -13.14 21.53 7.97
CA LEU A 197 -13.25 21.13 9.36
C LEU A 197 -13.50 22.33 10.25
N GLU A 198 -12.58 23.31 10.23
CA GLU A 198 -12.63 24.49 11.07
C GLU A 198 -13.49 25.61 10.50
N GLY A 199 -14.16 25.40 9.38
CA GLY A 199 -14.99 26.45 8.78
C GLY A 199 -14.26 27.75 8.57
N LEU A 200 -13.04 27.69 8.05
CA LEU A 200 -12.22 28.88 7.84
C LEU A 200 -12.60 29.61 6.57
N SER A 201 -12.14 30.85 6.48
CA SER A 201 -12.36 31.75 5.36
C SER A 201 -11.29 31.55 4.29
N GLU A 202 -11.61 32.01 3.08
CA GLU A 202 -10.64 31.98 1.99
C GLU A 202 -9.35 32.72 2.38
N GLU A 203 -9.48 33.91 2.96
CA GLU A 203 -8.29 34.63 3.38
C GLU A 203 -7.54 33.84 4.45
N ALA A 204 -8.27 33.08 5.28
CA ALA A 204 -7.65 32.31 6.34
C ALA A 204 -6.93 31.07 5.79
N ILE A 205 -7.60 30.33 4.91
CA ILE A 205 -6.98 29.08 4.42
C ILE A 205 -5.76 29.40 3.58
N MET A 206 -5.74 30.56 2.91
CA MET A 206 -4.58 30.94 2.11
C MET A 206 -3.40 31.41 2.95
N GLU A 207 -3.60 31.56 4.27
CA GLU A 207 -2.51 31.88 5.19
C GLU A 207 -1.98 30.67 5.92
N LEU A 208 -2.76 29.59 5.99
CA LEU A 208 -2.38 28.42 6.78
C LEU A 208 -1.21 27.70 6.13
N ASN A 209 -0.14 27.53 6.90
CA ASN A 209 1.14 26.97 6.47
C ASN A 209 1.39 25.68 7.27
N LEU A 210 0.78 24.58 6.83
CA LEU A 210 0.87 23.32 7.57
C LEU A 210 2.30 22.81 7.56
N PRO A 211 2.86 22.40 8.69
CA PRO A 211 4.22 21.89 8.70
C PRO A 211 4.32 20.48 8.14
N THR A 212 5.51 20.12 7.67
CA THR A 212 5.73 18.89 6.92
C THR A 212 6.34 17.82 7.81
N GLY A 213 5.79 16.61 7.75
CA GLY A 213 6.42 15.47 8.38
C GLY A 213 6.16 15.29 9.85
N ILE A 214 5.19 16.02 10.41
CA ILE A 214 4.83 15.86 11.80
C ILE A 214 3.34 15.52 11.83
N PRO A 215 2.90 14.59 12.66
CA PRO A 215 1.46 14.29 12.72
C PRO A 215 0.65 15.49 13.20
N ILE A 216 -0.55 15.59 12.63
CA ILE A 216 -1.48 16.68 12.91
C ILE A 216 -2.75 16.04 13.45
N VAL A 217 -2.96 16.19 14.76
CA VAL A 217 -4.03 15.46 15.46
C VAL A 217 -5.25 16.35 15.60
N TYR A 218 -6.40 15.82 15.21
CA TYR A 218 -7.70 16.40 15.48
C TYR A 218 -8.50 15.48 16.41
N GLU A 219 -9.18 16.08 17.38
CA GLU A 219 -10.25 15.42 18.12
C GLU A 219 -11.55 16.08 17.72
N LEU A 220 -12.54 15.27 17.33
CA LEU A 220 -13.78 15.77 16.77
C LEU A 220 -14.97 15.22 17.54
N ASP A 221 -16.00 16.06 17.71
CA ASP A 221 -17.22 15.61 18.34
C ASP A 221 -18.05 14.78 17.36
N LYS A 222 -19.22 14.35 17.80
CA LYS A 222 -20.08 13.45 17.03
C LYS A 222 -20.55 14.06 15.71
N ASN A 223 -20.32 15.35 15.49
CA ASN A 223 -20.65 16.01 14.23
C ASN A 223 -19.42 16.35 13.40
N LEU A 224 -18.26 15.80 13.75
CA LEU A 224 -17.04 15.94 12.97
C LEU A 224 -16.48 17.35 13.06
N LYS A 225 -16.88 18.10 14.08
CA LYS A 225 -16.38 19.43 14.41
C LYS A 225 -15.20 19.32 15.36
N PRO A 226 -14.11 20.06 15.13
CA PRO A 226 -13.01 20.07 16.10
C PRO A 226 -13.49 20.52 17.47
N ILE A 227 -13.04 19.80 18.51
CA ILE A 227 -13.30 20.17 19.90
C ILE A 227 -12.08 20.84 20.53
N LYS A 228 -11.09 21.17 19.74
CA LYS A 228 -9.95 21.94 20.19
C LYS A 228 -9.08 22.25 18.97
N PRO A 229 -8.06 23.07 19.09
CA PRO A 229 -7.24 23.35 17.90
C PRO A 229 -6.44 22.13 17.52
N MET A 230 -5.67 22.22 16.44
CA MET A 230 -4.86 21.08 16.01
C MET A 230 -3.61 20.97 16.87
N GLN A 231 -3.20 19.73 17.14
CA GLN A 231 -1.99 19.46 17.91
C GLN A 231 -0.95 18.78 17.03
N PHE A 232 0.32 19.05 17.33
CA PHE A 232 1.46 18.41 16.67
C PHE A 232 2.10 17.37 17.61
N LEU A 233 2.95 16.51 17.04
CA LEU A 233 3.56 15.40 17.78
C LEU A 233 5.07 15.41 17.58
N GLY A 234 5.83 15.47 18.66
CA GLY A 234 7.29 15.42 18.60
C GLY A 234 7.95 16.16 19.76
N ASP A 235 9.04 16.86 19.47
CA ASP A 235 9.78 17.68 20.44
C ASP A 235 8.84 18.45 21.36
N ALA B 2 -2.53 -14.43 -25.19
CA ALA B 2 -3.77 -14.86 -24.56
C ALA B 2 -4.64 -13.66 -24.20
N ALA B 3 -5.81 -13.93 -23.62
CA ALA B 3 -6.70 -12.86 -23.20
C ALA B 3 -6.21 -12.17 -21.92
N TYR B 4 -5.71 -12.95 -20.96
CA TYR B 4 -5.39 -12.44 -19.63
C TYR B 4 -3.95 -12.79 -19.27
N LYS B 5 -3.34 -11.95 -18.45
CA LYS B 5 -2.04 -12.27 -17.86
C LYS B 5 -2.11 -12.06 -16.35
N LEU B 6 -1.55 -13.00 -15.61
CA LEU B 6 -1.49 -12.95 -14.15
C LEU B 6 -0.04 -13.07 -13.69
N VAL B 7 0.36 -12.24 -12.71
CA VAL B 7 1.69 -12.33 -12.15
C VAL B 7 1.60 -12.62 -10.65
N LEU B 8 2.28 -13.67 -10.22
CA LEU B 8 2.43 -14.01 -8.80
C LEU B 8 3.88 -13.77 -8.39
N ILE B 9 4.07 -13.41 -7.13
CA ILE B 9 5.41 -13.40 -6.55
C ILE B 9 5.34 -13.85 -5.11
N ARG B 10 6.24 -14.76 -4.74
CA ARG B 10 6.45 -15.26 -3.40
C ARG B 10 7.58 -14.48 -2.75
N HIS B 11 7.36 -14.02 -1.52
CA HIS B 11 8.42 -13.32 -0.82
C HIS B 11 9.60 -14.23 -0.52
N GLY B 12 10.78 -13.62 -0.39
CA GLY B 12 11.99 -14.32 -0.05
C GLY B 12 12.24 -14.40 1.44
N GLU B 13 13.51 -14.51 1.79
CA GLU B 13 13.94 -14.89 3.13
C GLU B 13 13.48 -13.91 4.20
N SER B 14 12.94 -14.44 5.28
CA SER B 14 12.55 -13.64 6.44
C SER B 14 13.59 -13.74 7.54
N ALA B 15 13.42 -12.88 8.55
CA ALA B 15 14.30 -12.91 9.72
C ALA B 15 14.22 -14.27 10.41
N TRP B 16 13.04 -14.89 10.42
CA TRP B 16 12.91 -16.20 11.09
C TRP B 16 13.42 -17.34 10.23
N ASN B 17 13.43 -17.20 8.91
CA ASN B 17 14.15 -18.17 8.09
C ASN B 17 15.61 -18.25 8.52
N LEU B 18 16.22 -17.10 8.81
CA LEU B 18 17.62 -17.10 9.23
C LEU B 18 17.81 -17.83 10.56
N GLU B 19 16.79 -17.84 11.41
CA GLU B 19 16.83 -18.60 12.66
C GLU B 19 16.25 -20.02 12.50
N ASN B 20 16.02 -20.44 11.24
CA ASN B 20 15.26 -21.63 10.85
C ASN B 20 14.14 -21.93 11.84
N ARG B 21 13.29 -20.93 12.08
CA ARG B 21 12.10 -21.04 12.92
C ARG B 21 10.85 -21.06 12.05
N PHE B 22 9.83 -21.82 12.48
CA PHE B 22 8.53 -21.84 11.82
C PHE B 22 7.83 -20.51 12.04
N SER B 23 7.50 -19.80 10.96
CA SER B 23 6.82 -18.51 11.08
C SER B 23 5.30 -18.65 11.03
N GLY B 24 4.79 -19.26 9.96
CA GLY B 24 3.37 -19.26 9.72
C GLY B 24 2.79 -17.86 9.76
N TRP B 25 1.85 -17.67 10.68
CA TRP B 25 1.18 -16.40 10.89
C TRP B 25 1.99 -15.42 11.73
N TYR B 26 3.09 -15.84 12.35
CA TYR B 26 3.93 -14.83 12.99
C TYR B 26 4.40 -13.84 11.93
N ASP B 27 4.42 -12.56 12.29
CA ASP B 27 4.62 -11.48 11.31
C ASP B 27 6.10 -11.09 11.18
N ALA B 28 6.91 -12.02 10.72
CA ALA B 28 8.34 -11.78 10.59
C ALA B 28 8.63 -10.94 9.36
N ASP B 29 9.56 -10.00 9.51
CA ASP B 29 9.97 -9.13 8.42
C ASP B 29 10.99 -9.83 7.52
N LEU B 30 11.14 -9.28 6.33
CA LEU B 30 12.17 -9.74 5.42
C LEU B 30 13.55 -9.56 6.04
N SER B 31 14.43 -10.53 5.79
CA SER B 31 15.84 -10.30 6.01
C SER B 31 16.34 -9.36 4.93
N PRO B 32 17.50 -8.73 5.14
CA PRO B 32 18.07 -7.88 4.08
C PRO B 32 18.20 -8.63 2.76
N ALA B 33 18.49 -9.93 2.80
CA ALA B 33 18.63 -10.68 1.55
C ALA B 33 17.28 -10.90 0.90
N GLY B 34 16.25 -11.19 1.70
CA GLY B 34 14.88 -11.20 1.18
C GLY B 34 14.49 -9.90 0.51
N HIS B 35 14.87 -8.76 1.12
CA HIS B 35 14.57 -7.46 0.51
C HIS B 35 15.25 -7.31 -0.85
N GLU B 36 16.52 -7.75 -0.96
CA GLU B 36 17.23 -7.68 -2.24
C GLU B 36 16.58 -8.57 -3.28
N GLU B 37 16.17 -9.77 -2.86
CA GLU B 37 15.42 -10.65 -3.75
C GLU B 37 14.25 -9.91 -4.37
N ALA B 38 13.46 -9.24 -3.54
CA ALA B 38 12.32 -8.49 -4.05
C ALA B 38 12.76 -7.39 -5.01
N LYS B 39 13.89 -6.73 -4.71
CA LYS B 39 14.35 -5.68 -5.61
C LYS B 39 14.70 -6.25 -6.97
N ARG B 40 15.33 -7.42 -6.99
CA ARG B 40 15.62 -8.04 -8.27
C ARG B 40 14.35 -8.47 -8.98
N GLY B 41 13.40 -9.04 -8.23
CA GLY B 41 12.11 -9.37 -8.83
C GLY B 41 11.46 -8.14 -9.45
N GLY B 42 11.40 -7.04 -8.69
CA GLY B 42 10.83 -5.82 -9.22
C GLY B 42 11.57 -5.35 -10.45
N GLN B 43 12.90 -5.38 -10.40
CA GLN B 43 13.69 -4.97 -11.54
C GLN B 43 13.38 -5.85 -12.74
N ALA B 44 13.16 -7.15 -12.52
CA ALA B 44 12.82 -8.02 -13.66
C ALA B 44 11.49 -7.61 -14.26
N LEU B 45 10.53 -7.20 -13.42
CA LEU B 45 9.26 -6.74 -13.96
C LEU B 45 9.44 -5.43 -14.70
N ARG B 46 10.34 -4.58 -14.20
CA ARG B 46 10.57 -3.29 -14.85
C ARG B 46 11.19 -3.49 -16.22
N ASP B 47 12.26 -4.28 -16.29
CA ASP B 47 12.95 -4.53 -17.55
C ASP B 47 12.03 -5.14 -18.60
N ALA B 48 10.98 -5.84 -18.18
CA ALA B 48 10.05 -6.41 -19.14
C ALA B 48 8.82 -5.52 -19.37
N GLY B 49 8.77 -4.34 -18.76
CA GLY B 49 7.66 -3.42 -19.02
C GLY B 49 6.29 -3.86 -18.52
N TYR B 50 6.23 -4.71 -17.51
CA TYR B 50 4.95 -5.14 -16.99
C TYR B 50 4.17 -3.98 -16.37
N GLU B 51 2.86 -4.00 -16.57
CA GLU B 51 1.94 -3.02 -16.03
C GLU B 51 0.80 -3.72 -15.32
N PHE B 52 0.40 -3.20 -14.17
CA PHE B 52 -0.68 -3.80 -13.41
C PHE B 52 -1.79 -2.78 -13.17
N ASP B 53 -2.91 -3.29 -12.71
CA ASP B 53 -4.03 -2.43 -12.38
C ASP B 53 -4.49 -2.59 -10.95
N ILE B 54 -4.22 -3.74 -10.32
CA ILE B 54 -4.61 -3.97 -8.94
C ILE B 54 -3.66 -5.00 -8.34
N CYS B 55 -3.43 -4.88 -7.04
CA CYS B 55 -2.50 -5.77 -6.34
C CYS B 55 -3.23 -6.40 -5.17
N PHE B 56 -2.91 -7.66 -4.91
CA PHE B 56 -3.44 -8.34 -3.74
C PHE B 56 -2.28 -8.89 -2.92
N THR B 57 -2.46 -8.89 -1.61
CA THR B 57 -1.41 -9.33 -0.72
C THR B 57 -2.04 -9.77 0.59
N SER B 58 -1.22 -10.35 1.45
CA SER B 58 -1.65 -10.85 2.75
C SER B 58 -1.68 -9.70 3.73
N VAL B 59 -1.86 -10.00 5.02
CA VAL B 59 -1.67 -8.95 6.03
C VAL B 59 -0.39 -9.21 6.80
N GLN B 60 0.58 -9.82 6.13
CA GLN B 60 1.87 -10.12 6.74
C GLN B 60 2.96 -9.30 6.06
N LYS B 61 3.80 -8.65 6.87
CA LYS B 61 4.71 -7.63 6.33
C LYS B 61 5.75 -8.21 5.39
N ARG B 62 6.10 -9.50 5.48
CA ARG B 62 7.12 -9.98 4.54
C ARG B 62 6.58 -10.10 3.12
N ALA B 63 5.27 -10.34 2.97
CA ALA B 63 4.62 -10.17 1.67
C ALA B 63 4.40 -8.69 1.34
N ILE B 64 3.91 -7.89 2.29
CA ILE B 64 3.56 -6.51 1.94
C ILE B 64 4.81 -5.76 1.50
N ARG B 65 5.94 -5.96 2.20
CA ARG B 65 7.16 -5.24 1.85
C ARG B 65 7.67 -5.67 0.48
N THR B 66 7.53 -6.95 0.17
CA THR B 66 7.86 -7.44 -1.16
C THR B 66 7.03 -6.72 -2.22
N LEU B 67 5.73 -6.58 -1.97
CA LEU B 67 4.89 -5.84 -2.91
C LEU B 67 5.33 -4.39 -2.98
N TRP B 68 5.50 -3.74 -1.82
CA TRP B 68 6.03 -2.38 -1.81
C TRP B 68 7.29 -2.28 -2.65
N THR B 69 8.25 -3.19 -2.44
CA THR B 69 9.52 -3.09 -3.16
C THR B 69 9.31 -3.23 -4.67
N VAL B 70 8.38 -4.10 -5.07
CA VAL B 70 8.08 -4.29 -6.49
C VAL B 70 7.41 -3.04 -7.07
N LEU B 71 6.35 -2.55 -6.43
CA LEU B 71 5.68 -1.37 -6.95
C LEU B 71 6.68 -0.24 -7.13
N ASP B 72 7.60 -0.09 -6.18
CA ASP B 72 8.65 0.91 -6.29
C ASP B 72 9.50 0.68 -7.53
N ALA B 73 10.00 -0.55 -7.71
CA ALA B 73 10.89 -0.82 -8.83
C ALA B 73 10.24 -0.50 -10.18
N ILE B 74 8.95 -0.78 -10.32
CA ILE B 74 8.28 -0.61 -11.61
C ILE B 74 7.53 0.72 -11.67
N ASP B 75 7.75 1.58 -10.66
CA ASP B 75 7.17 2.93 -10.65
C ASP B 75 5.64 2.92 -10.72
N GLN B 76 5.01 2.05 -9.94
CA GLN B 76 3.55 1.92 -9.96
C GLN B 76 3.02 1.91 -8.53
N MET B 77 3.67 2.71 -7.68
CA MET B 77 3.28 2.81 -6.29
C MET B 77 1.87 3.35 -6.13
N TRP B 78 1.33 3.99 -7.16
CA TRP B 78 -0.01 4.54 -7.12
C TRP B 78 -1.12 3.49 -7.23
N LEU B 79 -0.80 2.23 -7.55
CA LEU B 79 -1.84 1.21 -7.77
C LEU B 79 -2.66 0.94 -6.52
N PRO B 80 -3.95 0.60 -6.68
CA PRO B 80 -4.75 0.14 -5.53
C PRO B 80 -4.23 -1.20 -5.01
N VAL B 81 -4.31 -1.37 -3.70
CA VAL B 81 -3.75 -2.55 -3.05
C VAL B 81 -4.76 -3.06 -2.06
N VAL B 82 -5.04 -4.37 -2.12
CA VAL B 82 -6.01 -5.05 -1.27
C VAL B 82 -5.27 -6.08 -0.44
N ARG B 83 -5.40 -5.98 0.89
CA ARG B 83 -4.76 -6.90 1.82
C ARG B 83 -5.82 -7.79 2.42
N THR B 84 -5.49 -9.08 2.60
CA THR B 84 -6.43 -10.02 3.19
C THR B 84 -5.71 -11.13 3.96
N TRP B 85 -6.27 -11.48 5.12
CA TRP B 85 -5.75 -12.61 5.88
C TRP B 85 -5.77 -13.89 5.06
N ARG B 86 -6.74 -14.01 4.15
CA ARG B 86 -6.88 -15.25 3.40
C ARG B 86 -5.67 -15.58 2.53
N LEU B 87 -4.75 -14.63 2.34
CA LEU B 87 -3.52 -14.95 1.62
C LEU B 87 -2.34 -15.20 2.55
N ASN B 88 -2.57 -15.24 3.86
CA ASN B 88 -1.49 -15.52 4.79
C ASN B 88 -0.80 -16.85 4.47
N GLU B 89 0.46 -16.93 4.89
CA GLU B 89 1.14 -18.22 5.00
C GLU B 89 0.29 -19.23 5.78
N ARG B 90 0.54 -20.50 5.54
CA ARG B 90 -0.11 -21.53 6.35
C ARG B 90 0.20 -21.31 7.82
N HIS B 91 -0.82 -21.48 8.66
CA HIS B 91 -0.66 -21.42 10.10
C HIS B 91 -0.04 -22.73 10.62
N TYR B 92 1.14 -22.66 11.23
CA TYR B 92 1.79 -23.89 11.68
C TYR B 92 1.51 -24.19 13.15
N GLY B 93 0.54 -23.50 13.74
CA GLY B 93 0.05 -23.91 15.05
C GLY B 93 1.15 -23.92 16.10
N GLY B 94 1.12 -24.96 16.94
CA GLY B 94 2.10 -25.11 18.00
C GLY B 94 3.55 -25.08 17.55
N LEU B 95 3.83 -25.44 16.29
CA LEU B 95 5.22 -25.39 15.84
C LEU B 95 5.72 -23.96 15.67
N THR B 96 4.81 -23.00 15.68
CA THR B 96 5.18 -21.61 15.49
C THR B 96 6.23 -21.17 16.51
N GLY B 97 7.33 -20.62 16.01
CA GLY B 97 8.43 -20.16 16.85
C GLY B 97 9.49 -21.21 17.18
N LEU B 98 9.16 -22.50 17.07
CA LEU B 98 10.17 -23.54 17.22
C LEU B 98 11.11 -23.53 16.03
N ASN B 99 12.38 -23.86 16.29
CA ASN B 99 13.31 -24.03 15.20
C ASN B 99 13.34 -25.51 14.81
N LYS B 100 14.14 -25.84 13.80
CA LYS B 100 14.22 -27.20 13.29
C LYS B 100 14.65 -28.18 14.38
N ALA B 101 15.69 -27.82 15.14
CA ALA B 101 16.22 -28.72 16.16
C ALA B 101 15.18 -29.00 17.23
N GLU B 102 14.48 -27.96 17.69
CA GLU B 102 13.47 -28.15 18.73
C GLU B 102 12.32 -29.02 18.22
N THR B 103 11.93 -28.83 16.97
CA THR B 103 10.88 -29.64 16.36
C THR B 103 11.31 -31.10 16.24
N ALA B 104 12.49 -31.33 15.64
CA ALA B 104 12.99 -32.70 15.53
C ALA B 104 13.17 -33.32 16.92
N ALA B 105 13.83 -32.60 17.84
CA ALA B 105 14.05 -33.15 19.17
C ALA B 105 12.74 -33.57 19.84
N LYS B 106 11.71 -32.74 19.73
CA LYS B 106 10.50 -32.97 20.53
C LYS B 106 9.55 -33.99 19.89
N HIS B 107 9.51 -34.09 18.57
CA HIS B 107 8.49 -34.87 17.90
C HIS B 107 9.04 -36.05 17.11
N GLY B 108 10.33 -36.08 16.83
CA GLY B 108 10.95 -37.20 16.16
C GLY B 108 10.69 -37.24 14.67
N GLU B 109 11.53 -38.02 13.98
CA GLU B 109 11.51 -38.05 12.52
C GLU B 109 10.21 -38.63 11.97
N ALA B 110 9.73 -39.75 12.53
CA ALA B 110 8.52 -40.36 11.97
C ALA B 110 7.36 -39.38 11.98
N GLN B 111 7.09 -38.77 13.14
CA GLN B 111 5.95 -37.86 13.23
C GLN B 111 6.12 -36.64 12.35
N VAL B 112 7.34 -36.11 12.24
CA VAL B 112 7.57 -34.98 11.33
C VAL B 112 7.36 -35.40 9.89
N LYS B 113 7.84 -36.59 9.52
CA LYS B 113 7.67 -37.07 8.15
C LYS B 113 6.19 -37.20 7.81
N ILE B 114 5.39 -37.70 8.77
CA ILE B 114 3.93 -37.71 8.57
C ILE B 114 3.45 -36.31 8.23
N TRP B 115 3.76 -35.34 9.09
CA TRP B 115 3.30 -33.97 8.88
C TRP B 115 3.74 -33.43 7.53
N ARG B 116 5.01 -33.64 7.16
CA ARG B 116 5.51 -33.15 5.88
C ARG B 116 4.78 -33.76 4.70
N ARG B 117 4.42 -35.05 4.80
CA ARG B 117 3.93 -35.79 3.64
C ARG B 117 2.42 -35.82 3.53
N SER B 118 1.69 -35.48 4.59
CA SER B 118 0.25 -35.52 4.50
C SER B 118 -0.30 -34.20 3.96
N TYR B 119 -1.58 -34.22 3.58
CA TYR B 119 -2.26 -33.07 2.97
C TYR B 119 -3.35 -32.51 3.87
N ASP B 120 -3.99 -33.36 4.68
CA ASP B 120 -5.09 -32.94 5.53
C ASP B 120 -4.82 -33.18 7.00
N VAL B 121 -3.57 -33.46 7.38
CA VAL B 121 -3.18 -33.64 8.78
C VAL B 121 -2.55 -32.35 9.27
N PRO B 122 -3.22 -31.58 10.13
CA PRO B 122 -2.61 -30.38 10.67
C PRO B 122 -1.55 -30.71 11.71
N PRO B 123 -0.67 -29.77 12.04
CA PRO B 123 0.21 -29.96 13.19
C PRO B 123 -0.54 -29.63 14.48
N PRO B 124 0.08 -29.81 15.64
CA PRO B 124 -0.65 -29.56 16.89
C PRO B 124 -1.12 -28.12 16.97
N PRO B 125 -2.25 -27.88 17.61
CA PRO B 125 -2.78 -26.52 17.67
C PRO B 125 -1.92 -25.61 18.53
N MET B 126 -1.96 -24.33 18.21
CA MET B 126 -1.39 -23.30 19.05
C MET B 126 -2.32 -23.13 20.25
N GLU B 127 -1.94 -23.71 21.38
CA GLU B 127 -2.72 -23.62 22.60
C GLU B 127 -2.58 -22.24 23.23
N PRO B 128 -3.53 -21.85 24.07
CA PRO B 128 -3.46 -20.52 24.72
C PRO B 128 -2.20 -20.28 25.52
N ASP B 129 -1.49 -21.31 25.98
CA ASP B 129 -0.26 -21.09 26.72
C ASP B 129 0.97 -21.05 25.83
N HIS B 130 0.77 -21.12 24.52
CA HIS B 130 1.87 -20.95 23.58
C HIS B 130 2.46 -19.54 23.71
N PRO B 131 3.78 -19.38 23.57
CA PRO B 131 4.37 -18.04 23.74
C PRO B 131 3.92 -17.02 22.70
N PHE B 132 3.38 -17.44 21.57
CA PHE B 132 2.93 -16.50 20.55
C PHE B 132 1.43 -16.53 20.37
N TYR B 133 0.71 -17.18 21.28
CA TYR B 133 -0.75 -17.27 21.16
C TYR B 133 -1.38 -15.88 21.10
N SER B 134 -1.00 -14.99 22.01
CA SER B 134 -1.67 -13.71 22.03
C SER B 134 -1.09 -12.76 20.99
N ASN B 135 0.20 -12.89 20.66
CA ASN B 135 0.81 -12.08 19.62
C ASN B 135 0.18 -12.32 18.25
N ILE B 136 -0.44 -13.49 18.06
CA ILE B 136 -1.05 -13.88 16.79
C ILE B 136 -2.58 -13.89 16.88
N SER B 137 -3.13 -14.70 17.79
CA SER B 137 -4.58 -14.89 17.86
C SER B 137 -5.32 -13.71 18.49
N LYS B 138 -4.63 -12.84 19.24
CA LYS B 138 -5.26 -11.64 19.77
C LYS B 138 -4.81 -10.39 19.03
N ASP B 139 -4.04 -10.53 17.94
CA ASP B 139 -3.68 -9.39 17.13
C ASP B 139 -4.93 -8.81 16.50
N ARG B 140 -5.15 -7.50 16.66
CA ARG B 140 -6.42 -6.91 16.27
C ARG B 140 -6.68 -6.96 14.77
N ARG B 141 -5.66 -7.26 13.96
CA ARG B 141 -5.90 -7.39 12.52
C ARG B 141 -6.81 -8.55 12.18
N TYR B 142 -7.06 -9.47 13.12
CA TYR B 142 -7.97 -10.58 12.88
C TYR B 142 -9.32 -10.40 13.58
N ALA B 143 -9.61 -9.21 14.11
CA ALA B 143 -10.82 -8.97 14.91
C ALA B 143 -12.11 -9.23 14.14
N ASP B 144 -12.09 -9.07 12.82
CA ASP B 144 -13.32 -9.30 12.06
C ASP B 144 -13.54 -10.78 11.77
N LEU B 145 -12.64 -11.65 12.20
CA LEU B 145 -12.77 -13.07 11.86
C LEU B 145 -13.73 -13.75 12.82
N THR B 146 -14.67 -14.53 12.27
CA THR B 146 -15.47 -15.44 13.08
C THR B 146 -14.56 -16.41 13.82
N GLU B 147 -15.02 -16.87 14.99
CA GLU B 147 -14.27 -17.86 15.75
C GLU B 147 -13.90 -19.06 14.90
N ASP B 148 -14.72 -19.38 13.89
CA ASP B 148 -14.42 -20.50 13.02
C ASP B 148 -13.29 -20.19 12.04
N GLN B 149 -13.14 -18.92 11.64
CA GLN B 149 -12.18 -18.57 10.62
C GLN B 149 -10.76 -18.47 11.17
N LEU B 150 -10.62 -18.05 12.41
CA LEU B 150 -9.30 -17.88 13.01
C LEU B 150 -8.68 -19.25 13.32
N PRO B 151 -7.69 -19.71 12.57
CA PRO B 151 -7.16 -21.05 12.82
C PRO B 151 -6.36 -21.10 14.09
N SER B 152 -6.35 -22.28 14.70
CA SER B 152 -5.35 -22.62 15.69
C SER B 152 -4.18 -23.35 15.06
N CYS B 153 -4.37 -23.82 13.82
CA CYS B 153 -3.40 -24.63 13.09
C CYS B 153 -4.06 -25.00 11.77
N GLU B 154 -3.26 -25.39 10.78
CA GLU B 154 -3.77 -25.62 9.44
C GLU B 154 -2.97 -26.72 8.79
N SER B 155 -3.69 -27.72 8.26
CA SER B 155 -3.15 -28.52 7.17
C SER B 155 -2.98 -27.66 5.93
N LEU B 156 -2.23 -28.17 4.95
CA LEU B 156 -2.17 -27.50 3.65
C LEU B 156 -3.55 -27.36 3.05
N LYS B 157 -4.39 -28.37 3.26
CA LYS B 157 -5.75 -28.34 2.74
C LYS B 157 -6.55 -27.23 3.40
N ASP B 158 -6.37 -27.02 4.71
CA ASP B 158 -6.99 -25.86 5.35
C ASP B 158 -6.54 -24.56 4.69
N THR B 159 -5.24 -24.41 4.48
CA THR B 159 -4.73 -23.14 3.95
C THR B 159 -5.33 -22.87 2.57
N ILE B 160 -5.38 -23.91 1.72
CA ILE B 160 -5.96 -23.72 0.39
C ILE B 160 -7.46 -23.49 0.47
N ALA B 161 -8.13 -24.10 1.45
CA ALA B 161 -9.57 -23.95 1.56
C ALA B 161 -9.98 -22.53 1.94
N ARG B 162 -9.17 -21.85 2.75
CA ARG B 162 -9.51 -20.48 3.08
C ARG B 162 -8.89 -19.47 2.12
N ALA B 163 -7.98 -19.92 1.24
CA ALA B 163 -7.45 -19.02 0.22
C ALA B 163 -8.35 -18.96 -0.99
N LEU B 164 -8.86 -20.11 -1.43
CA LEU B 164 -9.64 -20.15 -2.66
C LEU B 164 -10.90 -19.31 -2.61
N PRO B 165 -11.64 -19.22 -1.51
CA PRO B 165 -12.76 -18.27 -1.47
C PRO B 165 -12.36 -16.86 -1.86
N PHE B 166 -11.19 -16.38 -1.41
CA PHE B 166 -10.80 -15.02 -1.78
C PHE B 166 -10.49 -14.92 -3.26
N TRP B 167 -9.89 -15.96 -3.83
CA TRP B 167 -9.57 -15.92 -5.24
C TRP B 167 -10.85 -15.97 -6.09
N ASN B 168 -11.85 -16.73 -5.66
CA ASN B 168 -13.10 -16.79 -6.42
C ASN B 168 -13.87 -15.49 -6.28
N GLU B 169 -14.00 -14.98 -5.05
CA GLU B 169 -14.93 -13.88 -4.79
C GLU B 169 -14.35 -12.53 -5.18
N GLU B 170 -13.04 -12.34 -5.06
CA GLU B 170 -12.48 -11.01 -5.18
C GLU B 170 -11.44 -10.84 -6.27
N ILE B 171 -10.72 -11.88 -6.68
CA ILE B 171 -9.69 -11.75 -7.72
C ILE B 171 -10.24 -12.12 -9.11
N VAL B 172 -10.95 -13.25 -9.23
CA VAL B 172 -11.52 -13.64 -10.51
C VAL B 172 -12.36 -12.52 -11.14
N PRO B 173 -13.29 -11.87 -10.43
CA PRO B 173 -14.02 -10.77 -11.07
C PRO B 173 -13.11 -9.70 -11.62
N GLN B 174 -12.07 -9.29 -10.86
CA GLN B 174 -11.12 -8.31 -11.40
C GLN B 174 -10.48 -8.80 -12.68
N ILE B 175 -10.09 -10.08 -12.72
CA ILE B 175 -9.42 -10.61 -13.92
C ILE B 175 -10.36 -10.61 -15.12
N LYS B 176 -11.59 -11.13 -14.94
CA LYS B 176 -12.57 -11.13 -16.02
C LYS B 176 -12.97 -9.73 -16.42
N GLU B 177 -12.65 -8.73 -15.60
CA GLU B 177 -12.87 -7.34 -15.96
C GLU B 177 -11.71 -6.77 -16.75
N GLY B 178 -10.72 -7.59 -17.11
CA GLY B 178 -9.55 -7.09 -17.80
C GLY B 178 -8.50 -6.40 -16.93
N LYS B 179 -8.68 -6.32 -15.62
CA LYS B 179 -7.65 -5.72 -14.77
C LYS B 179 -6.42 -6.63 -14.75
N ARG B 180 -5.25 -6.04 -14.88
CA ARG B 180 -4.01 -6.81 -14.83
C ARG B 180 -3.60 -6.97 -13.36
N VAL B 181 -3.60 -8.22 -12.86
CA VAL B 181 -3.47 -8.51 -11.43
C VAL B 181 -2.05 -8.94 -11.07
N LEU B 182 -1.61 -8.51 -9.88
CA LEU B 182 -0.37 -8.92 -9.24
C LEU B 182 -0.69 -9.42 -7.83
N ILE B 183 -0.29 -10.66 -7.52
CA ILE B 183 -0.47 -11.21 -6.19
C ILE B 183 0.91 -11.40 -5.57
N ALA B 184 1.17 -10.70 -4.47
CA ALA B 184 2.40 -10.90 -3.70
C ALA B 184 2.00 -11.60 -2.40
N ALA B 185 2.41 -12.87 -2.25
CA ALA B 185 2.02 -13.61 -1.06
C ALA B 185 3.04 -14.66 -0.67
N HIS B 186 2.58 -15.82 -0.25
CA HIS B 186 3.38 -16.81 0.45
C HIS B 186 3.29 -18.16 -0.25
N GLY B 187 4.28 -19.01 0.06
CA GLY B 187 4.39 -20.31 -0.60
C GLY B 187 3.10 -21.11 -0.58
N ASN B 188 2.42 -21.14 0.57
CA ASN B 188 1.31 -22.08 0.67
C ASN B 188 0.00 -21.49 0.21
N SER B 189 -0.17 -20.16 0.36
CA SER B 189 -1.38 -19.58 -0.20
C SER B 189 -1.28 -19.50 -1.72
N LEU B 190 -0.08 -19.22 -2.25
CA LEU B 190 0.09 -19.28 -3.70
C LEU B 190 -0.09 -20.71 -4.20
N ARG B 191 0.23 -21.69 -3.36
CA ARG B 191 -0.02 -23.08 -3.74
C ARG B 191 -1.49 -23.32 -4.03
N GLY B 192 -2.37 -22.79 -3.16
CA GLY B 192 -3.79 -22.88 -3.44
C GLY B 192 -4.14 -22.39 -4.84
N ILE B 193 -3.63 -21.22 -5.22
CA ILE B 193 -3.99 -20.64 -6.50
C ILE B 193 -3.44 -21.48 -7.66
N VAL B 194 -2.16 -21.88 -7.56
CA VAL B 194 -1.58 -22.72 -8.61
C VAL B 194 -2.32 -24.05 -8.71
N LYS B 195 -2.67 -24.64 -7.57
CA LYS B 195 -3.43 -25.89 -7.61
C LYS B 195 -4.73 -25.69 -8.38
N HIS B 196 -5.45 -24.61 -8.08
CA HIS B 196 -6.72 -24.37 -8.76
C HIS B 196 -6.52 -24.08 -10.24
N LEU B 197 -5.52 -23.28 -10.58
CA LEU B 197 -5.35 -22.90 -11.98
C LEU B 197 -5.00 -24.09 -12.84
N GLU B 198 -4.18 -25.00 -12.32
CA GLU B 198 -3.62 -26.11 -13.08
C GLU B 198 -4.31 -27.43 -12.80
N GLY B 199 -5.32 -27.47 -11.93
CA GLY B 199 -5.98 -28.72 -11.59
C GLY B 199 -5.03 -29.78 -11.06
N LEU B 200 -3.94 -29.37 -10.41
CA LEU B 200 -2.99 -30.34 -9.92
C LEU B 200 -3.58 -31.14 -8.77
N SER B 201 -3.09 -32.37 -8.62
CA SER B 201 -3.48 -33.25 -7.53
C SER B 201 -2.78 -32.87 -6.23
N GLU B 202 -3.32 -33.38 -5.13
CA GLU B 202 -2.72 -33.16 -3.82
C GLU B 202 -1.22 -33.49 -3.83
N GLU B 203 -0.90 -34.73 -4.19
CA GLU B 203 0.49 -35.17 -4.34
C GLU B 203 1.33 -34.15 -5.10
N ALA B 204 0.81 -33.62 -6.20
CA ALA B 204 1.59 -32.68 -6.99
C ALA B 204 1.81 -31.36 -6.25
N ILE B 205 0.74 -30.80 -5.67
CA ILE B 205 0.87 -29.50 -5.05
C ILE B 205 1.82 -29.58 -3.85
N MET B 206 1.77 -30.68 -3.09
CA MET B 206 2.68 -30.84 -1.96
C MET B 206 4.13 -30.95 -2.39
N GLU B 207 4.39 -31.32 -3.63
CA GLU B 207 5.74 -31.42 -4.15
C GLU B 207 6.20 -30.11 -4.79
N LEU B 208 5.32 -29.12 -4.90
CA LEU B 208 5.62 -27.91 -5.65
C LEU B 208 6.21 -26.85 -4.72
N ASN B 209 7.44 -26.43 -5.01
CA ASN B 209 8.07 -25.37 -4.25
C ASN B 209 8.28 -24.17 -5.18
N LEU B 210 7.57 -23.10 -4.91
CA LEU B 210 7.68 -21.96 -5.81
C LEU B 210 8.98 -21.22 -5.55
N PRO B 211 9.69 -20.81 -6.61
CA PRO B 211 10.84 -19.92 -6.42
C PRO B 211 10.41 -18.64 -5.72
N THR B 212 11.36 -18.01 -5.04
CA THR B 212 11.07 -16.82 -4.25
C THR B 212 11.60 -15.59 -4.96
N GLY B 213 10.94 -14.45 -4.71
CA GLY B 213 11.37 -13.15 -5.19
C GLY B 213 11.53 -13.12 -6.70
N ILE B 214 10.83 -14.03 -7.37
CA ILE B 214 10.95 -14.21 -8.80
C ILE B 214 9.54 -14.07 -9.41
N PRO B 215 9.35 -13.23 -10.42
CA PRO B 215 8.01 -13.08 -11.01
C PRO B 215 7.56 -14.35 -11.74
N ILE B 216 6.37 -14.82 -11.37
CA ILE B 216 5.76 -16.03 -11.91
C ILE B 216 4.59 -15.59 -12.78
N VAL B 217 4.67 -15.89 -14.08
CA VAL B 217 3.78 -15.33 -15.10
C VAL B 217 2.85 -16.43 -15.62
N TYR B 218 1.55 -16.15 -15.59
CA TYR B 218 0.55 -17.03 -16.17
C TYR B 218 -0.12 -16.34 -17.35
N GLU B 219 -0.27 -17.05 -18.45
CA GLU B 219 -1.06 -16.58 -19.59
C GLU B 219 -2.37 -17.35 -19.58
N LEU B 220 -3.46 -16.66 -19.28
CA LEU B 220 -4.74 -17.33 -19.13
C LEU B 220 -5.65 -16.97 -20.30
N ASP B 221 -6.49 -17.93 -20.70
CA ASP B 221 -7.56 -17.65 -21.63
C ASP B 221 -8.76 -17.11 -20.85
N LYS B 222 -9.84 -16.80 -21.57
CA LYS B 222 -10.94 -16.10 -20.93
C LYS B 222 -11.63 -16.92 -19.84
N ASN B 223 -11.38 -18.22 -19.77
CA ASN B 223 -11.91 -19.03 -18.67
C ASN B 223 -10.91 -19.19 -17.53
N LEU B 224 -9.75 -18.53 -17.62
CA LEU B 224 -8.71 -18.58 -16.59
C LEU B 224 -7.99 -19.91 -16.63
N LYS B 225 -7.95 -20.52 -17.82
CA LYS B 225 -7.17 -21.74 -17.98
C LYS B 225 -5.79 -21.38 -18.48
N PRO B 226 -4.73 -21.81 -17.79
CA PRO B 226 -3.40 -21.58 -18.33
C PRO B 226 -3.33 -22.17 -19.73
N ILE B 227 -2.70 -21.42 -20.64
CA ILE B 227 -2.46 -21.89 -22.00
C ILE B 227 -1.03 -22.37 -22.20
N LYS B 228 -0.16 -22.16 -21.22
CA LYS B 228 1.18 -22.71 -21.22
C LYS B 228 1.63 -22.85 -19.78
N PRO B 229 2.76 -23.48 -19.54
CA PRO B 229 3.25 -23.61 -18.16
C PRO B 229 3.66 -22.24 -17.61
N MET B 230 3.74 -22.16 -16.29
CA MET B 230 4.18 -20.92 -15.65
C MET B 230 5.58 -20.55 -16.13
N GLN B 231 5.79 -19.26 -16.35
CA GLN B 231 7.11 -18.77 -16.75
C GLN B 231 7.68 -17.90 -15.64
N PHE B 232 8.99 -17.69 -15.71
CA PHE B 232 9.73 -16.87 -14.77
C PHE B 232 10.37 -15.72 -15.52
N LEU B 233 10.41 -14.55 -14.89
CA LEU B 233 11.03 -13.36 -15.47
C LEU B 233 12.36 -13.12 -14.78
N GLY B 234 13.39 -12.78 -15.55
CA GLY B 234 14.70 -12.56 -14.99
C GLY B 234 15.77 -12.76 -16.05
N ASP B 235 17.01 -12.79 -15.57
CA ASP B 235 18.15 -13.05 -16.42
C ASP B 235 18.32 -14.54 -16.63
N GLU B 236 19.19 -14.91 -17.59
CA GLU B 236 19.33 -16.31 -18.00
C GLU B 236 19.55 -17.23 -16.81
N GLU B 237 20.51 -16.89 -15.95
CA GLU B 237 20.80 -17.73 -14.79
C GLU B 237 19.56 -17.86 -13.91
N THR B 238 19.16 -16.77 -13.27
CA THR B 238 17.97 -16.79 -12.43
C THR B 238 16.83 -17.44 -13.18
CL CL C . -0.11 0.02 0.22
O1 MES D . 7.72 -25.78 4.18
C2 MES D . 8.37 -26.10 5.40
C3 MES D . 8.26 -24.92 6.38
N4 MES D . 8.69 -23.69 5.71
C5 MES D . 8.11 -23.37 4.42
C6 MES D . 8.27 -24.62 3.54
C7 MES D . 8.80 -22.55 6.60
C8 MES D . 7.61 -21.69 6.18
S MES D . 7.66 -20.30 7.08
O1S MES D . 8.36 -19.23 6.32
O2S MES D . 8.38 -20.61 8.35
O3S MES D . 6.31 -19.82 7.42
C10 Q9R E . 8.35 -29.41 3.12
C13 Q9R E . 11.52 -29.21 6.09
C15 Q9R E . 10.81 -27.61 7.71
C17 Q9R E . 12.63 -27.09 6.22
C20 Q9R E . 12.31 -24.26 7.23
C21 Q9R E . 12.41 -23.02 7.84
C22 Q9R E . 12.06 -22.89 9.18
C24 Q9R E . 11.52 -25.25 9.27
N Q9R E . 10.29 -30.56 4.07
C Q9R E . 6.37 -28.22 2.06
O Q9R E . 9.01 -29.37 1.88
C01 Q9R E . 6.22 -29.91 9.24
C02 Q9R E . 4.87 -29.65 9.27
C03 Q9R E . 4.21 -29.35 8.09
C04 Q9R E . 4.91 -29.29 6.91
C05 Q9R E . 6.27 -29.54 6.88
C06 Q9R E . 6.93 -29.86 8.05
C07 Q9R E . 7.01 -29.49 5.56
C08 Q9R E . 6.41 -28.92 4.45
C09 Q9R E . 7.07 -28.87 3.24
C11 Q9R E . 8.97 -30.00 4.21
C12 Q9R E . 8.29 -30.03 5.44
C14 Q9R E . 10.68 -28.84 7.11
C16 Q9R E . 11.78 -26.72 7.26
C18 Q9R E . 12.50 -28.33 5.62
C19 Q9R E . 11.88 -25.38 7.94
C23 Q9R E . 11.61 -24.01 9.89
CL Q9R E . 7.03 -30.32 10.75
F Q9R E . 4.20 -29.72 10.43
O01 Q9R E . 12.55 -31.42 4.94
O02 Q9R E . 10.79 -31.80 6.28
O03 Q9R E . 5.22 -28.59 1.74
O04 Q9R E . 6.95 -27.30 1.41
S Q9R E . 11.31 -30.83 5.35
H08 Q9R E . 10.21 -27.35 8.45
H09 Q9R E . 13.32 -26.46 5.91
H11 Q9R E . 12.54 -24.35 6.27
H12 Q9R E . 12.73 -22.24 7.34
H13 Q9R E . 12.12 -22.03 9.62
H15 Q9R E . 11.20 -26.03 9.76
H06 Q9R E . 10.57 -30.78 3.23
H Q9R E . 9.28 -30.19 1.66
H01 Q9R E . 3.24 -29.16 8.10
H02 Q9R E . 4.44 -29.08 6.08
H03 Q9R E . 7.90 -30.05 8.04
H04 Q9R E . 5.50 -28.54 4.54
H05 Q9R E . 8.72 -30.44 6.21
H07 Q9R E . 9.99 -29.47 7.42
H10 Q9R E . 13.08 -28.60 4.88
H14 Q9R E . 11.36 -23.92 10.82
C10 Q9R F . 18.73 -37.31 7.15
C13 Q9R F . 14.94 -34.30 6.74
C15 Q9R F . 14.91 -32.09 7.68
C17 Q9R F . 13.29 -33.73 8.39
C20 Q9R F . 12.80 -31.92 10.65
C21 Q9R F . 12.22 -31.04 11.55
C22 Q9R F . 12.10 -29.71 11.22
C24 Q9R F . 13.10 -30.13 9.09
N Q9R F . 17.28 -35.64 6.07
C Q9R F . 20.27 -39.05 8.12
O Q9R F . 19.38 -37.48 5.93
C01 Q9R F . 14.88 -36.07 12.21
C02 Q9R F . 15.57 -36.36 13.39
C03 Q9R F . 16.84 -36.88 13.33
C04 Q9R F . 17.43 -37.10 12.08
C05 Q9R F . 16.73 -36.80 10.91
C06 Q9R F . 15.45 -36.29 10.97
C07 Q9R F . 17.42 -37.01 9.57
C08 Q9R F . 18.47 -37.90 9.47
C09 Q9R F . 19.12 -38.06 8.25
C11 Q9R F . 17.68 -36.40 7.24
C12 Q9R F . 17.04 -36.24 8.47
C14 Q9R F . 15.49 -33.01 6.82
C16 Q9R F . 13.82 -32.46 8.46
C18 Q9R F . 13.85 -34.66 7.53
C19 Q9R F . 13.21 -31.47 9.41
C23 Q9R F . 12.54 -29.25 9.98
CL Q9R F . 13.28 -35.42 12.37
F Q9R F . 14.97 -36.14 14.57
O01 Q9R F . 14.97 -36.72 5.68
O02 Q9R F . 15.53 -35.01 4.29
O03 Q9R F . 20.42 -40.03 8.91
O04 Q9R F . 21.12 -38.85 7.20
S Q9R F . 15.69 -35.47 5.65
H08 Q9R F . 15.28 -31.18 7.74
H09 Q9R F . 12.52 -33.99 8.95
H11 Q9R F . 12.90 -32.86 10.89
H12 Q9R F . 11.91 -31.36 12.42
H13 Q9R F . 11.70 -29.08 11.86
H15 Q9R F . 13.41 -29.81 8.22
H06 Q9R F . 17.92 -35.25 5.55
H Q9R F . 20.10 -36.97 5.90
H01 Q9R F . 17.33 -37.10 14.15
H02 Q9R F . 18.33 -37.46 12.03
H03 Q9R F . 14.96 -36.06 10.16
H04 Q9R F . 18.76 -38.41 10.25
H05 Q9R F . 16.32 -35.59 8.56
H07 Q9R F . 16.24 -32.76 6.26
H10 Q9R F . 13.49 -35.56 7.47
H14 Q9R F . 12.44 -28.30 9.76
#